data_7HKH
#
_entry.id   7HKH
#
_cell.length_a   82.596
_cell.length_b   116.532
_cell.length_c   148.449
_cell.angle_alpha   90.00
_cell.angle_beta   90.00
_cell.angle_gamma   90.00
#
_symmetry.space_group_name_H-M   'I 2 2 2'
#
loop_
_entity.id
_entity.type
_entity.pdbx_description
1 polymer 'Genome polyprotein'
2 non-polymer 'ZINC ION'
3 non-polymer '2-(N-MORPHOLINO)-ETHANESULFONIC ACID'
4 non-polymer 'DIMETHYL SULFOXIDE'
5 non-polymer DI(HYDROXYETHYL)ETHER
6 non-polymer 'PHOSPHATE ION'
7 non-polymer 3-chloro-N-(1-hydroxy-2-methylpropan-2-yl)benzamide
8 water water
#
_entity_poly.entity_id   1
_entity_poly.type   'polypeptide(L)'
_entity_poly.pdbx_seq_one_letter_code
;GPGIESETPNLDIIGKRIEKIKQEHETSWHYDQDHPYKTWAYHGSYETKQTGSASSMVNGVVRLLTKPWDIIPMVTQMAM
TDTTPFGQQRVFKEKVDTRTQEPKEGTKKLMKITAEWLWKELGKKKTPRMCTREEFTRKVRSNAALGAIFTDENKWKSAR
EAVEDSGFWELVDKERNLHLEGKCETCVYNMMGKREKKLGEFGKAKGSRAIWYMWLGARFLEFEALGFLNEDHWFSRENS
LSGVEGEGLHKLGYILRDVSKKEGGAMYADDTAGWDTRITLEDLKNEEMVTNHMEGEHKKLAEAIFKLTYQNKVVRVQRP
TPRGTVMDIISRRDQRGSGQVVTYGLNTFTNMEAQLIRQMEGEGVFKSIQHLTVTEEIAVKNWLVRVGRERLSRMAISGD
DCVVKPLDDRFASALTALNDMGKVRKDIQQWEPSRGWNDWTQVPFCSHHFHELIMKDGRVLVVPCRNQDELIGRARISQG
AGWSLRETACLGKSYAQMWSLMYFHRRDLRLAANAICSAVPSHWVPTSRTTWSIHATHEWMTTEDMLTVWNRVWIQENPW
MEDKTPVESWEEIPYLGKREDQWCGSLIGLTSRATWAKNIQTAINQVRSLIGNEEYTDYMPSMKRFRREEEEAGVLW
;
_entity_poly.pdbx_strand_id   A
#
loop_
_chem_comp.id
_chem_comp.type
_chem_comp.name
_chem_comp.formula
DMS non-polymer 'DIMETHYL SULFOXIDE' 'C2 H6 O S'
JOV non-polymer 3-chloro-N-(1-hydroxy-2-methylpropan-2-yl)benzamide 'C11 H14 Cl N O2'
MES non-polymer '2-(N-MORPHOLINO)-ETHANESULFONIC ACID' 'C6 H13 N O4 S'
PEG non-polymer DI(HYDROXYETHYL)ETHER 'C4 H10 O3'
PO4 non-polymer 'PHOSPHATE ION' 'O4 P -3'
ZN non-polymer 'ZINC ION' 'Zn 2'
#
# COMPACT_ATOMS: atom_id res chain seq x y z
N ASN A 10 -11.93 27.21 10.79
CA ASN A 10 -11.39 26.78 12.12
C ASN A 10 -12.58 26.32 12.99
N LEU A 11 -12.66 26.79 14.25
CA LEU A 11 -13.38 26.12 15.38
C LEU A 11 -14.86 25.90 15.08
N ASP A 12 -15.44 26.66 14.16
CA ASP A 12 -16.87 26.48 13.77
C ASP A 12 -17.05 25.09 13.15
N ILE A 13 -16.02 24.52 12.50
CA ILE A 13 -16.09 23.19 11.80
C ILE A 13 -15.63 22.07 12.75
N ILE A 14 -14.64 22.32 13.61
CA ILE A 14 -14.05 21.28 14.52
C ILE A 14 -14.57 21.40 15.96
N GLY A 15 -15.13 22.56 16.35
CA GLY A 15 -15.51 22.88 17.75
C GLY A 15 -16.46 21.84 18.34
N LYS A 16 -17.54 21.53 17.62
CA LYS A 16 -18.59 20.55 18.01
C LYS A 16 -17.90 19.24 18.42
N ARG A 17 -17.01 18.73 17.54
CA ARG A 17 -16.20 17.51 17.80
C ARG A 17 -15.41 17.70 19.10
N ILE A 18 -14.79 18.88 19.27
CA ILE A 18 -13.92 19.19 20.43
C ILE A 18 -14.82 19.27 21.66
N GLU A 19 -15.88 20.08 21.59
CA GLU A 19 -16.87 20.29 22.67
C GLU A 19 -17.37 18.93 23.18
N LYS A 20 -17.73 18.01 22.27
CA LYS A 20 -18.28 16.67 22.62
C LYS A 20 -17.27 15.88 23.45
N ILE A 21 -15.98 15.95 23.12
CA ILE A 21 -14.93 15.11 23.78
C ILE A 21 -14.65 15.70 25.17
N LYS A 22 -14.59 17.03 25.27
CA LYS A 22 -14.47 17.80 26.55
C LYS A 22 -15.40 17.21 27.62
N GLN A 23 -16.70 17.09 27.31
CA GLN A 23 -17.76 16.68 28.26
C GLN A 23 -17.59 15.24 28.74
N GLU A 24 -17.16 14.31 27.87
CA GLU A 24 -16.96 12.88 28.23
C GLU A 24 -15.80 12.74 29.24
N HIS A 25 -15.00 13.80 29.42
CA HIS A 25 -13.84 13.84 30.35
C HIS A 25 -13.81 15.18 31.09
N GLU A 26 -14.98 15.65 31.54
CA GLU A 26 -15.19 16.96 32.23
C GLU A 26 -14.40 16.99 33.56
N THR A 27 -14.17 15.82 34.17
CA THR A 27 -13.40 15.67 35.43
C THR A 27 -11.89 15.90 35.19
N SER A 28 -11.40 15.78 33.94
CA SER A 28 -9.95 15.71 33.60
C SER A 28 -9.48 16.81 32.64
N TRP A 29 -10.36 17.69 32.15
CA TRP A 29 -10.00 18.67 31.09
C TRP A 29 -9.03 19.70 31.66
N HIS A 30 -7.96 20.03 30.92
CA HIS A 30 -6.92 21.02 31.31
C HIS A 30 -6.09 21.45 30.09
N TYR A 31 -5.98 22.74 29.83
CA TYR A 31 -5.04 23.30 28.83
C TYR A 31 -3.62 23.20 29.38
N ASP A 32 -3.01 22.02 29.28
CA ASP A 32 -1.58 21.77 29.63
C ASP A 32 -0.70 22.79 28.87
N GLN A 33 0.27 23.38 29.57
CA GLN A 33 1.10 24.51 29.08
C GLN A 33 2.43 23.98 28.51
N ASP A 34 2.82 22.76 28.88
CA ASP A 34 4.05 22.08 28.40
C ASP A 34 3.71 21.18 27.21
N HIS A 35 2.82 21.61 26.31
CA HIS A 35 2.39 20.84 25.11
C HIS A 35 3.49 20.90 24.04
N PRO A 36 3.93 19.75 23.49
CA PRO A 36 5.04 19.71 22.54
C PRO A 36 4.75 20.10 21.07
N TYR A 37 3.53 20.57 20.76
CA TYR A 37 3.06 20.78 19.36
C TYR A 37 3.45 22.19 18.92
N LYS A 38 4.13 22.29 17.77
CA LYS A 38 4.41 23.58 17.08
C LYS A 38 3.44 23.75 15.91
N THR A 39 3.30 22.75 15.04
CA THR A 39 2.59 22.88 13.74
C THR A 39 1.13 22.39 13.82
N TRP A 40 0.81 21.53 14.78
CA TRP A 40 -0.57 21.15 15.16
C TRP A 40 -1.15 22.20 16.10
N ALA A 41 -2.36 22.69 15.83
CA ALA A 41 -3.21 23.43 16.81
C ALA A 41 -3.59 22.45 17.93
N TYR A 42 -3.29 22.85 19.16
CA TYR A 42 -3.56 22.11 20.41
C TYR A 42 -4.83 22.68 21.05
N HIS A 43 -5.55 21.84 21.80
CA HIS A 43 -6.85 22.29 22.36
C HIS A 43 -6.96 21.94 23.85
N GLY A 44 -6.58 20.72 24.24
CA GLY A 44 -6.65 20.31 25.65
C GLY A 44 -6.22 18.87 25.83
N SER A 45 -6.20 18.40 27.07
CA SER A 45 -5.72 17.05 27.47
C SER A 45 -6.74 16.44 28.43
N TYR A 46 -6.64 15.12 28.68
CA TYR A 46 -7.53 14.33 29.56
C TYR A 46 -6.86 12.98 29.88
N GLU A 47 -7.26 12.35 30.99
CA GLU A 47 -6.60 11.16 31.60
C GLU A 47 -6.96 9.88 30.82
N THR A 48 -5.95 9.09 30.46
CA THR A 48 -6.07 7.70 29.93
C THR A 48 -4.91 6.88 30.51
N LYS A 49 -4.82 5.59 30.16
CA LYS A 49 -3.72 4.68 30.62
C LYS A 49 -3.78 3.38 29.83
N GLN A 50 -2.92 3.23 28.81
CA GLN A 50 -2.80 2.02 27.96
C GLN A 50 -1.56 2.13 27.06
N THR A 51 -1.41 1.20 26.10
CA THR A 51 -0.37 1.22 25.03
C THR A 51 -0.59 2.47 24.17
N ALA A 54 1.38 -3.63 21.53
CA ALA A 54 1.12 -4.65 20.47
C ALA A 54 2.40 -4.89 19.65
N SER A 55 3.35 -5.64 20.24
CA SER A 55 4.66 -6.00 19.63
C SER A 55 4.49 -7.19 18.65
N SER A 56 5.54 -7.47 17.88
CA SER A 56 5.57 -8.53 16.83
C SER A 56 5.98 -9.86 17.46
N MET A 57 5.15 -10.90 17.28
CA MET A 57 5.35 -12.25 17.86
C MET A 57 5.97 -13.16 16.79
N VAL A 58 6.73 -14.18 17.17
CA VAL A 58 7.35 -15.10 16.18
C VAL A 58 6.40 -16.24 15.82
N ASN A 59 6.29 -16.54 14.51
CA ASN A 59 5.63 -17.74 13.97
C ASN A 59 6.55 -18.96 14.13
N GLY A 60 6.23 -19.83 15.08
CA GLY A 60 7.08 -20.98 15.45
C GLY A 60 7.12 -22.04 14.36
N VAL A 61 6.05 -22.15 13.59
CA VAL A 61 6.04 -23.13 12.48
C VAL A 61 7.07 -22.70 11.44
N VAL A 62 7.07 -21.44 10.98
CA VAL A 62 8.05 -20.96 9.96
C VAL A 62 9.46 -20.97 10.58
N ARG A 63 9.63 -20.55 11.85
CA ARG A 63 11.01 -20.50 12.40
C ARG A 63 11.59 -21.91 12.49
N LEU A 64 10.84 -22.90 12.98
CA LEU A 64 11.38 -24.29 13.09
C LEU A 64 11.77 -24.82 11.70
N LEU A 65 11.14 -24.33 10.64
CA LEU A 65 11.49 -24.85 9.28
C LEU A 65 12.49 -23.97 8.53
N THR A 66 13.06 -22.95 9.16
CA THR A 66 14.09 -22.08 8.56
C THR A 66 15.27 -21.94 9.56
N LYS A 67 15.78 -23.04 10.06
CA LYS A 67 16.82 -23.03 11.13
C LYS A 67 18.09 -22.27 10.71
N PRO A 68 18.59 -22.37 9.46
CA PRO A 68 19.85 -21.69 9.10
C PRO A 68 19.79 -20.17 9.35
N TRP A 69 18.58 -19.60 9.27
CA TRP A 69 18.38 -18.13 9.43
C TRP A 69 18.35 -17.76 10.92
N ASP A 70 18.38 -18.72 11.83
CA ASP A 70 18.37 -18.39 13.30
C ASP A 70 19.66 -17.64 13.70
N ILE A 71 20.71 -17.69 12.89
CA ILE A 71 22.02 -17.04 13.18
C ILE A 71 22.28 -15.88 12.22
N ILE A 72 21.29 -15.44 11.42
CA ILE A 72 21.44 -14.31 10.45
C ILE A 72 20.79 -13.09 11.08
N PRO A 73 21.59 -12.12 11.60
CA PRO A 73 21.01 -10.95 12.27
C PRO A 73 19.99 -10.15 11.42
N MET A 74 20.16 -10.06 10.11
CA MET A 74 19.17 -9.32 9.29
C MET A 74 17.78 -9.96 9.41
N VAL A 75 17.70 -11.29 9.59
CA VAL A 75 16.40 -11.99 9.83
C VAL A 75 15.98 -11.84 11.28
N THR A 76 16.84 -12.17 12.24
CA THR A 76 16.45 -12.28 13.68
C THR A 76 16.10 -10.92 14.26
N GLN A 77 16.77 -9.85 13.82
CA GLN A 77 16.55 -8.48 14.36
C GLN A 77 15.18 -7.96 13.91
N MET A 78 14.61 -8.46 12.81
CA MET A 78 13.30 -7.98 12.31
C MET A 78 12.21 -8.26 13.33
N ALA A 79 12.32 -9.32 14.14
CA ALA A 79 11.28 -9.70 15.13
C ALA A 79 11.44 -8.95 16.45
N MET A 80 12.49 -8.16 16.67
CA MET A 80 12.71 -7.47 17.98
C MET A 80 12.04 -6.07 17.98
N THR A 81 11.77 -5.52 19.18
CA THR A 81 11.41 -4.09 19.38
C THR A 81 10.30 -3.92 20.40
N PHE A 92 8.75 8.50 12.12
CA PHE A 92 9.17 9.73 12.84
C PHE A 92 7.92 10.59 13.15
N LYS A 93 7.65 10.82 14.44
CA LYS A 93 6.53 11.69 14.92
C LYS A 93 7.04 13.13 15.06
N GLU A 94 8.29 13.39 14.66
CA GLU A 94 8.91 14.73 14.51
C GLU A 94 8.95 15.09 13.01
N LYS A 95 8.31 14.27 12.17
CA LYS A 95 8.01 14.58 10.74
C LYS A 95 6.53 14.94 10.58
N VAL A 96 5.63 14.40 11.42
CA VAL A 96 4.20 14.78 11.44
C VAL A 96 4.08 16.22 11.97
N ASP A 97 4.90 16.62 12.94
CA ASP A 97 4.91 18.00 13.52
C ASP A 97 5.85 18.91 12.69
N THR A 98 5.76 18.85 11.35
CA THR A 98 6.39 19.83 10.41
C THR A 98 5.29 20.51 9.59
N ARG A 99 5.63 21.57 8.84
CA ARG A 99 4.68 22.38 8.05
C ARG A 99 5.20 22.48 6.61
N THR A 100 4.30 22.54 5.62
CA THR A 100 4.64 22.66 4.18
C THR A 100 4.23 24.05 3.69
N GLN A 101 5.17 24.80 3.14
CA GLN A 101 4.95 26.17 2.59
C GLN A 101 3.91 26.11 1.45
N GLU A 102 3.12 27.16 1.28
CA GLU A 102 2.16 27.32 0.16
C GLU A 102 2.94 27.37 -1.16
N PRO A 103 2.58 26.54 -2.16
CA PRO A 103 3.16 26.68 -3.50
C PRO A 103 2.95 28.09 -4.08
N LYS A 104 3.80 28.47 -5.05
CA LYS A 104 3.71 29.73 -5.84
C LYS A 104 2.50 29.67 -6.80
N GLU A 105 2.15 30.79 -7.41
CA GLU A 105 0.89 30.93 -8.18
C GLU A 105 0.96 30.10 -9.47
N GLY A 106 2.11 30.11 -10.17
CA GLY A 106 2.33 29.29 -11.37
C GLY A 106 2.18 27.80 -11.06
N THR A 107 2.68 27.34 -9.91
CA THR A 107 2.57 25.94 -9.45
C THR A 107 1.10 25.57 -9.20
N LYS A 108 0.39 26.37 -8.38
CA LYS A 108 -1.07 26.22 -8.11
C LYS A 108 -1.89 26.12 -9.41
N LYS A 109 -1.59 26.94 -10.41
CA LYS A 109 -2.26 26.91 -11.74
C LYS A 109 -1.97 25.57 -12.46
N LEU A 110 -0.70 25.14 -12.46
CA LEU A 110 -0.26 23.86 -13.11
C LEU A 110 -1.04 22.69 -12.48
N MET A 111 -1.08 22.65 -11.16
CA MET A 111 -1.78 21.59 -10.38
C MET A 111 -3.29 21.61 -10.67
N LYS A 112 -3.94 22.79 -10.73
CA LYS A 112 -5.42 22.90 -10.88
C LYS A 112 -5.79 22.47 -12.29
N ILE A 113 -5.08 22.95 -13.30
CA ILE A 113 -5.32 22.55 -14.72
C ILE A 113 -5.13 21.04 -14.87
N THR A 114 -4.03 20.50 -14.31
CA THR A 114 -3.68 19.05 -14.44
C THR A 114 -4.71 18.20 -13.70
N ALA A 115 -5.09 18.59 -12.47
CA ALA A 115 -6.09 17.85 -11.66
C ALA A 115 -7.45 17.82 -12.40
N GLU A 116 -7.89 18.97 -12.92
CA GLU A 116 -9.18 19.08 -13.67
C GLU A 116 -9.15 18.08 -14.84
N TRP A 117 -8.08 18.10 -15.61
CA TRP A 117 -7.92 17.23 -16.79
C TRP A 117 -7.89 15.75 -16.35
N LEU A 118 -7.24 15.44 -15.23
CA LEU A 118 -7.00 14.02 -14.84
C LEU A 118 -8.31 13.39 -14.33
N TRP A 119 -9.09 14.10 -13.50
CA TRP A 119 -10.43 13.61 -13.05
C TRP A 119 -11.34 13.36 -14.26
N LYS A 120 -11.35 14.26 -15.26
CA LYS A 120 -12.11 14.00 -16.52
C LYS A 120 -11.61 12.73 -17.19
N GLU A 121 -10.30 12.53 -17.36
CA GLU A 121 -9.84 11.29 -18.04
C GLU A 121 -10.28 10.07 -17.25
N LEU A 122 -10.10 10.10 -15.93
CA LEU A 122 -10.37 8.92 -15.07
C LEU A 122 -11.88 8.62 -15.10
N GLY A 123 -12.69 9.67 -15.26
CA GLY A 123 -14.17 9.63 -15.26
C GLY A 123 -14.76 9.29 -16.63
N LYS A 124 -13.99 9.34 -17.72
CA LYS A 124 -14.55 9.09 -19.07
C LYS A 124 -15.29 7.74 -19.12
N LYS A 125 -14.76 6.66 -18.52
CA LYS A 125 -15.33 5.30 -18.65
C LYS A 125 -15.79 4.75 -17.29
N LYS A 126 -15.99 5.61 -16.30
CA LYS A 126 -16.39 5.19 -14.93
C LYS A 126 -17.50 6.14 -14.47
N THR A 127 -18.38 5.66 -13.58
CA THR A 127 -19.49 6.48 -13.00
C THR A 127 -19.34 6.52 -11.49
N PRO A 128 -19.10 7.69 -10.88
CA PRO A 128 -19.07 7.78 -9.43
C PRO A 128 -20.41 7.30 -8.88
N ARG A 129 -20.38 6.68 -7.71
CA ARG A 129 -21.59 6.10 -7.07
C ARG A 129 -21.28 5.87 -5.59
N MET A 130 -22.32 5.88 -4.75
CA MET A 130 -22.18 5.61 -3.31
C MET A 130 -21.98 4.13 -3.11
N CYS A 131 -21.17 3.75 -2.14
CA CYS A 131 -21.05 2.35 -1.70
C CYS A 131 -22.10 2.14 -0.59
N THR A 132 -22.52 0.91 -0.35
CA THR A 132 -23.77 0.64 0.40
C THR A 132 -23.45 -0.04 1.74
N ARG A 133 -24.34 0.15 2.73
CA ARG A 133 -24.32 -0.58 4.03
C ARG A 133 -24.12 -2.07 3.74
N GLU A 134 -24.82 -2.57 2.71
CA GLU A 134 -24.72 -3.97 2.24
C GLU A 134 -23.25 -4.26 1.91
N GLU A 135 -22.61 -3.44 1.06
CA GLU A 135 -21.19 -3.64 0.65
C GLU A 135 -20.25 -3.53 1.86
N PHE A 136 -20.51 -2.55 2.73
CA PHE A 136 -19.71 -2.32 3.95
C PHE A 136 -19.80 -3.55 4.86
N THR A 137 -21.02 -4.02 5.14
CA THR A 137 -21.31 -5.22 5.98
C THR A 137 -20.53 -6.43 5.46
N ARG A 138 -20.49 -6.65 4.15
CA ARG A 138 -19.84 -7.86 3.57
C ARG A 138 -18.32 -7.72 3.75
N LYS A 139 -17.79 -6.49 3.74
CA LYS A 139 -16.33 -6.25 3.90
C LYS A 139 -15.91 -6.61 5.33
N VAL A 140 -16.66 -6.17 6.34
CA VAL A 140 -16.33 -6.39 7.78
C VAL A 140 -16.46 -7.89 8.10
N ARG A 141 -17.38 -8.60 7.44
CA ARG A 141 -17.67 -10.04 7.69
C ARG A 141 -16.74 -10.94 6.87
N SER A 142 -15.65 -10.41 6.32
CA SER A 142 -14.60 -11.18 5.59
C SER A 142 -13.20 -10.65 5.91
N ASN A 143 -13.06 -9.85 6.97
CA ASN A 143 -11.76 -9.41 7.55
C ASN A 143 -10.94 -8.60 6.53
N ALA A 144 -11.19 -7.30 6.43
CA ALA A 144 -10.33 -6.30 5.73
C ALA A 144 -9.91 -5.24 6.75
N ALA A 145 -8.63 -4.85 6.74
CA ALA A 145 -8.04 -3.87 7.68
C ALA A 145 -8.65 -2.48 7.40
N LEU A 146 -9.86 -2.23 7.93
CA LEU A 146 -10.65 -0.98 7.72
C LEU A 146 -10.31 0.06 8.80
N GLY A 147 -9.27 -0.19 9.61
CA GLY A 147 -8.69 0.75 10.57
C GLY A 147 -9.73 1.42 11.47
N ALA A 148 -10.54 0.62 12.18
CA ALA A 148 -11.52 1.09 13.20
C ALA A 148 -10.97 0.84 14.60
N ILE A 149 -11.74 1.14 15.66
CA ILE A 149 -11.35 1.01 17.09
C ILE A 149 -12.29 0.05 17.82
N PHE A 150 -11.91 -0.40 19.03
CA PHE A 150 -12.71 -1.30 19.90
C PHE A 150 -13.96 -0.57 20.38
N ASN A 154 -16.19 2.65 23.64
CA ASN A 154 -16.63 1.29 23.19
C ASN A 154 -18.15 1.15 23.38
N LYS A 155 -18.72 0.05 22.91
CA LYS A 155 -20.17 -0.28 22.99
C LYS A 155 -20.38 -1.74 22.52
N TRP A 156 -19.92 -2.04 21.29
CA TRP A 156 -19.83 -3.41 20.71
C TRP A 156 -18.36 -3.87 20.78
N LYS A 157 -18.11 -5.19 20.82
CA LYS A 157 -16.74 -5.75 20.93
C LYS A 157 -15.99 -5.49 19.61
N SER A 158 -16.30 -6.26 18.57
CA SER A 158 -15.67 -6.20 17.22
C SER A 158 -16.60 -5.43 16.27
N ALA A 159 -16.11 -5.17 15.05
CA ALA A 159 -16.86 -4.53 13.94
C ALA A 159 -18.00 -5.46 13.50
N ARG A 160 -17.71 -6.76 13.38
CA ARG A 160 -18.69 -7.84 13.07
C ARG A 160 -20.00 -7.63 13.85
N GLU A 161 -19.92 -7.27 15.14
CA GLU A 161 -21.09 -7.13 16.06
C GLU A 161 -21.85 -5.82 15.79
N ALA A 162 -21.15 -4.70 15.67
CA ALA A 162 -21.72 -3.34 15.46
C ALA A 162 -22.60 -3.34 14.20
N VAL A 163 -22.22 -4.12 13.21
CA VAL A 163 -22.80 -4.10 11.83
C VAL A 163 -24.17 -4.79 11.83
N GLU A 164 -24.37 -5.78 12.69
CA GLU A 164 -25.66 -6.54 12.80
C GLU A 164 -26.66 -5.77 13.67
N ASP A 165 -26.18 -4.87 14.53
CA ASP A 165 -26.98 -4.11 15.53
C ASP A 165 -27.47 -2.80 14.91
N SER A 166 -28.79 -2.61 14.92
CA SER A 166 -29.53 -1.47 14.30
C SER A 166 -29.27 -0.16 15.05
N GLY A 167 -28.78 -0.22 16.29
CA GLY A 167 -28.47 0.95 17.12
C GLY A 167 -27.34 1.76 16.50
N PHE A 168 -26.24 1.08 16.18
CA PHE A 168 -25.09 1.57 15.36
C PHE A 168 -25.61 2.43 14.21
N TRP A 169 -26.43 1.85 13.33
CA TRP A 169 -26.86 2.51 12.07
C TRP A 169 -27.66 3.78 12.37
N GLU A 170 -28.26 3.91 13.56
CA GLU A 170 -28.96 5.16 13.99
C GLU A 170 -27.91 6.22 14.33
N LEU A 171 -26.77 5.79 14.89
CA LEU A 171 -25.58 6.67 15.12
C LEU A 171 -25.07 7.19 13.77
N VAL A 172 -24.83 6.26 12.84
CA VAL A 172 -24.43 6.56 11.42
C VAL A 172 -25.44 7.55 10.84
N ASP A 173 -26.74 7.24 10.92
CA ASP A 173 -27.83 8.12 10.44
C ASP A 173 -27.65 9.53 11.01
N LYS A 174 -27.46 9.66 12.32
CA LYS A 174 -27.41 11.01 12.96
C LYS A 174 -26.24 11.77 12.34
N GLU A 175 -25.05 11.17 12.32
CA GLU A 175 -23.82 11.76 11.73
C GLU A 175 -24.11 12.11 10.26
N ARG A 176 -24.67 11.15 9.52
CA ARG A 176 -24.98 11.29 8.06
C ARG A 176 -25.81 12.56 7.85
N ASN A 177 -26.93 12.71 8.57
CA ASN A 177 -27.83 13.90 8.47
C ASN A 177 -27.06 15.15 8.91
N LEU A 178 -26.17 15.03 9.90
CA LEU A 178 -25.25 16.13 10.30
C LEU A 178 -24.35 16.53 9.12
N HIS A 179 -23.81 15.58 8.34
CA HIS A 179 -22.95 15.88 7.15
C HIS A 179 -23.75 16.62 6.07
N LEU A 180 -24.97 16.17 5.75
CA LEU A 180 -25.88 16.83 4.76
C LEU A 180 -26.11 18.29 5.17
N GLU A 181 -26.03 18.57 6.47
CA GLU A 181 -26.19 19.90 7.10
C GLU A 181 -24.85 20.67 7.06
N GLY A 182 -23.75 20.02 6.64
CA GLY A 182 -22.40 20.60 6.58
C GLY A 182 -21.75 20.69 7.95
N LYS A 183 -22.06 19.75 8.85
CA LYS A 183 -21.56 19.73 10.26
C LYS A 183 -21.09 18.31 10.62
N CYS A 184 -20.25 18.17 11.66
CA CYS A 184 -19.61 16.90 12.09
C CYS A 184 -19.55 16.83 13.62
N GLU A 185 -19.76 15.66 14.21
CA GLU A 185 -19.76 15.48 15.70
C GLU A 185 -18.80 14.37 16.13
N THR A 186 -18.71 13.26 15.39
CA THR A 186 -18.04 12.03 15.87
C THR A 186 -16.92 11.54 14.94
N CYS A 187 -16.61 12.23 13.83
CA CYS A 187 -15.52 11.83 12.88
C CYS A 187 -14.17 12.40 13.35
N VAL A 188 -13.52 11.69 14.28
CA VAL A 188 -12.27 12.08 14.99
C VAL A 188 -11.19 11.01 14.77
N TYR A 189 -9.98 11.41 14.43
CA TYR A 189 -8.85 10.47 14.18
C TYR A 189 -8.20 10.10 15.51
N ASN A 190 -7.69 8.87 15.60
CA ASN A 190 -6.82 8.36 16.70
C ASN A 190 -5.47 7.92 16.11
N MET A 191 -4.38 8.53 16.57
CA MET A 191 -3.01 8.35 16.02
C MET A 191 -2.36 7.14 16.68
N MET A 192 -1.46 6.44 15.96
CA MET A 192 -0.69 5.26 16.47
C MET A 192 0.39 4.86 15.45
N SER A 208 8.77 5.89 9.71
CA SER A 208 8.13 6.74 8.67
C SER A 208 6.71 6.22 8.35
N ARG A 209 5.92 5.95 9.40
CA ARG A 209 4.52 5.44 9.31
C ARG A 209 3.65 6.13 10.38
N ALA A 210 2.35 6.23 10.12
CA ALA A 210 1.34 6.81 11.02
C ALA A 210 -0.06 6.36 10.56
N ILE A 211 -0.78 5.60 11.40
CA ILE A 211 -2.11 5.02 11.05
C ILE A 211 -3.18 5.72 11.90
N TRP A 212 -4.18 6.27 11.23
CA TRP A 212 -5.23 7.14 11.80
C TRP A 212 -6.52 6.33 11.86
N TYR A 213 -6.70 5.53 12.90
CA TYR A 213 -7.96 4.77 13.18
C TYR A 213 -9.08 5.78 13.49
N MET A 214 -10.28 5.56 12.96
CA MET A 214 -11.53 6.23 13.39
C MET A 214 -12.48 5.15 13.89
N TRP A 215 -13.60 5.52 14.49
CA TRP A 215 -14.68 4.55 14.82
C TRP A 215 -15.39 4.10 13.53
N LEU A 216 -16.03 2.94 13.58
CA LEU A 216 -16.52 2.21 12.39
C LEU A 216 -17.51 3.09 11.62
N GLY A 217 -18.29 3.89 12.33
CA GLY A 217 -19.31 4.80 11.77
C GLY A 217 -18.70 5.82 10.84
N ALA A 218 -17.63 6.50 11.27
CA ALA A 218 -16.86 7.48 10.46
C ALA A 218 -16.28 6.79 9.24
N ARG A 219 -15.79 5.56 9.40
CA ARG A 219 -15.20 4.71 8.32
C ARG A 219 -16.27 4.36 7.31
N PHE A 220 -17.50 4.10 7.78
CA PHE A 220 -18.62 3.77 6.87
C PHE A 220 -18.88 4.97 5.96
N LEU A 221 -19.03 6.14 6.58
CA LEU A 221 -19.38 7.39 5.87
C LEU A 221 -18.27 7.74 4.86
N GLU A 222 -17.01 7.49 5.24
CA GLU A 222 -15.88 7.65 4.29
C GLU A 222 -16.09 6.67 3.11
N PHE A 223 -16.37 5.39 3.40
CA PHE A 223 -16.49 4.31 2.39
C PHE A 223 -17.70 4.57 1.48
N GLU A 224 -18.80 5.11 2.04
CA GLU A 224 -20.06 5.39 1.31
C GLU A 224 -19.79 6.44 0.22
N ALA A 225 -18.97 7.44 0.55
CA ALA A 225 -18.78 8.62 -0.31
C ALA A 225 -17.63 8.40 -1.30
N LEU A 226 -16.61 7.61 -0.95
CA LEU A 226 -15.31 7.58 -1.70
C LEU A 226 -14.80 6.17 -1.97
N GLY A 227 -15.50 5.13 -1.50
CA GLY A 227 -15.13 3.72 -1.74
C GLY A 227 -15.14 3.36 -3.20
N PHE A 228 -15.95 4.03 -3.99
CA PHE A 228 -16.06 3.77 -5.45
C PHE A 228 -14.68 3.84 -6.11
N LEU A 229 -13.78 4.71 -5.64
CA LEU A 229 -12.41 4.84 -6.23
C LEU A 229 -11.71 3.49 -6.24
N ASN A 230 -11.75 2.76 -5.12
CA ASN A 230 -11.17 1.41 -5.02
C ASN A 230 -12.13 0.33 -5.57
N GLU A 231 -13.40 0.36 -5.13
CA GLU A 231 -14.37 -0.73 -5.43
C GLU A 231 -14.57 -0.87 -6.96
N ASP A 232 -14.51 0.23 -7.72
CA ASP A 232 -14.75 0.27 -9.19
C ASP A 232 -13.45 0.54 -9.97
N HIS A 233 -12.30 0.42 -9.31
CA HIS A 233 -10.97 0.26 -9.96
C HIS A 233 -10.62 1.51 -10.79
N TRP A 234 -10.79 2.70 -10.23
CA TRP A 234 -10.45 3.97 -10.93
C TRP A 234 -8.95 4.03 -11.28
N PHE A 235 -8.10 3.39 -10.48
CA PHE A 235 -6.63 3.39 -10.67
C PHE A 235 -6.13 2.07 -11.25
N SER A 236 -6.99 1.24 -11.85
CA SER A 236 -6.55 0.11 -12.71
C SER A 236 -5.61 0.67 -13.79
N ARG A 237 -4.72 -0.13 -14.35
CA ARG A 237 -3.89 0.34 -15.48
C ARG A 237 -4.77 0.62 -16.72
N GLU A 238 -5.76 -0.22 -17.01
CA GLU A 238 -6.69 0.00 -18.16
C GLU A 238 -7.33 1.37 -18.01
N ASN A 239 -7.78 1.75 -16.82
CA ASN A 239 -8.53 3.00 -16.63
C ASN A 239 -7.63 4.24 -16.51
N SER A 240 -6.50 4.21 -15.79
CA SER A 240 -5.69 5.42 -15.41
C SER A 240 -4.36 5.51 -16.19
N LEU A 241 -3.96 4.45 -16.90
CA LEU A 241 -2.74 4.29 -17.76
C LEU A 241 -1.45 4.24 -16.93
N SER A 242 -1.34 5.02 -15.86
CA SER A 242 -0.16 5.02 -14.96
C SER A 242 -0.33 4.04 -13.81
N GLY A 243 -1.58 3.83 -13.36
CA GLY A 243 -1.91 3.05 -12.16
C GLY A 243 -1.65 1.57 -12.37
N VAL A 244 -1.57 0.86 -11.25
CA VAL A 244 -1.36 -0.61 -11.16
C VAL A 244 -2.36 -1.21 -10.15
N GLU A 245 -3.44 -0.51 -9.81
CA GLU A 245 -4.41 -1.04 -8.81
C GLU A 245 -5.00 -2.37 -9.32
N GLY A 246 -5.01 -3.40 -8.49
CA GLY A 246 -5.54 -4.73 -8.87
C GLY A 246 -4.56 -5.54 -9.69
N GLU A 247 -3.35 -5.03 -9.98
CA GLU A 247 -2.50 -5.69 -11.02
C GLU A 247 -1.87 -6.96 -10.42
N GLY A 248 -1.31 -6.96 -9.21
CA GLY A 248 -0.65 -8.20 -8.70
C GLY A 248 0.88 -8.21 -8.98
N LEU A 249 1.63 -8.77 -8.04
CA LEU A 249 3.12 -8.75 -8.04
C LEU A 249 3.69 -9.51 -9.24
N HIS A 250 2.94 -10.46 -9.81
CA HIS A 250 3.31 -11.22 -11.03
C HIS A 250 3.07 -10.40 -12.31
N LYS A 251 2.46 -9.22 -12.22
CA LYS A 251 2.23 -8.36 -13.40
C LYS A 251 3.21 -7.17 -13.38
N LEU A 252 3.70 -6.77 -12.20
CA LEU A 252 4.39 -5.46 -12.10
C LEU A 252 5.69 -5.47 -12.91
N GLY A 253 6.39 -6.61 -12.96
CA GLY A 253 7.63 -6.69 -13.74
C GLY A 253 7.34 -6.57 -15.23
N TYR A 254 6.29 -7.23 -15.71
CA TYR A 254 5.88 -7.14 -17.14
C TYR A 254 5.49 -5.68 -17.49
N ILE A 255 4.79 -5.02 -16.59
CA ILE A 255 4.44 -3.60 -16.76
C ILE A 255 5.71 -2.72 -16.86
N LEU A 256 6.69 -2.88 -15.96
CA LEU A 256 7.92 -2.07 -16.03
C LEU A 256 8.65 -2.34 -17.35
N ARG A 257 8.68 -3.60 -17.83
CA ARG A 257 9.35 -3.95 -19.11
C ARG A 257 8.59 -3.29 -20.27
N ASP A 258 7.26 -3.15 -20.19
CA ASP A 258 6.48 -2.46 -21.27
C ASP A 258 6.84 -0.96 -21.27
N VAL A 259 6.99 -0.33 -20.11
CA VAL A 259 7.45 1.08 -20.02
C VAL A 259 8.85 1.20 -20.66
N SER A 260 9.74 0.25 -20.39
CA SER A 260 11.14 0.27 -20.88
C SER A 260 11.17 0.26 -22.41
N LYS A 261 10.13 -0.23 -23.08
CA LYS A 261 10.08 -0.36 -24.56
C LYS A 261 9.85 1.00 -25.22
N LYS A 262 9.36 1.99 -24.47
CA LYS A 262 9.13 3.37 -24.99
C LYS A 262 10.48 4.00 -25.33
N GLU A 263 10.54 4.76 -26.41
CA GLU A 263 11.68 5.66 -26.69
C GLU A 263 11.75 6.66 -25.53
N GLY A 264 12.93 6.91 -24.98
CA GLY A 264 13.11 8.04 -24.06
C GLY A 264 14.37 7.92 -23.24
N GLY A 265 14.39 8.58 -22.09
CA GLY A 265 15.60 8.67 -21.25
C GLY A 265 15.72 7.49 -20.30
N ALA A 266 16.48 7.68 -19.23
CA ALA A 266 16.65 6.71 -18.12
C ALA A 266 15.27 6.48 -17.48
N MET A 267 15.14 5.44 -16.67
CA MET A 267 13.94 5.23 -15.83
C MET A 267 14.23 5.86 -14.45
N TYR A 268 13.39 6.78 -13.99
CA TYR A 268 13.55 7.49 -12.71
C TYR A 268 12.60 6.88 -11.71
N ALA A 269 13.08 6.67 -10.49
CA ALA A 269 12.30 6.08 -9.41
C ALA A 269 12.65 6.82 -8.12
N ASP A 270 12.30 8.10 -8.06
CA ASP A 270 12.64 8.93 -6.89
C ASP A 270 11.58 8.68 -5.81
N ASP A 271 12.00 8.33 -4.60
CA ASP A 271 11.11 8.24 -3.42
C ASP A 271 10.96 9.66 -2.84
N THR A 272 9.77 10.01 -2.38
CA THR A 272 9.48 11.24 -1.62
C THR A 272 9.79 10.97 -0.15
N ALA A 273 10.40 11.93 0.53
CA ALA A 273 10.57 11.91 1.99
C ALA A 273 9.22 12.20 2.66
N GLY A 274 8.60 11.18 3.26
CA GLY A 274 7.38 11.27 4.09
C GLY A 274 6.22 11.86 3.31
N TRP A 275 5.79 11.18 2.25
CA TRP A 275 4.80 11.70 1.29
C TRP A 275 3.54 12.24 2.00
N ASP A 276 3.00 11.50 2.96
CA ASP A 276 1.71 11.84 3.63
C ASP A 276 1.82 13.20 4.33
N THR A 277 3.01 13.55 4.84
CA THR A 277 3.26 14.81 5.59
C THR A 277 3.44 15.98 4.62
N ARG A 278 3.63 15.73 3.33
CA ARG A 278 3.88 16.78 2.30
C ARG A 278 2.64 17.03 1.44
N ILE A 279 1.50 16.44 1.79
CA ILE A 279 0.20 16.73 1.11
C ILE A 279 -0.26 18.12 1.58
N THR A 280 -0.34 19.08 0.66
CA THR A 280 -0.68 20.49 0.97
C THR A 280 -2.20 20.66 1.01
N LEU A 281 -2.70 21.78 1.54
CA LEU A 281 -4.15 22.09 1.44
C LEU A 281 -4.50 22.27 -0.04
N GLU A 282 -3.57 22.72 -0.89
CA GLU A 282 -3.85 22.88 -2.34
C GLU A 282 -4.07 21.49 -2.96
N ASP A 283 -3.27 20.51 -2.56
CA ASP A 283 -3.42 19.09 -2.98
C ASP A 283 -4.84 18.59 -2.60
N LEU A 284 -5.27 18.79 -1.35
CA LEU A 284 -6.60 18.33 -0.84
C LEU A 284 -7.75 18.96 -1.64
N LYS A 285 -7.61 20.21 -2.10
CA LYS A 285 -8.63 20.96 -2.89
C LYS A 285 -8.65 20.45 -4.33
N ASN A 286 -7.52 20.05 -4.90
CA ASN A 286 -7.52 19.45 -6.25
C ASN A 286 -8.12 18.04 -6.18
N GLU A 287 -7.85 17.30 -5.12
CA GLU A 287 -8.44 15.95 -4.90
C GLU A 287 -9.99 16.05 -4.78
N GLU A 288 -10.49 17.06 -4.07
CA GLU A 288 -11.94 17.26 -3.82
C GLU A 288 -12.70 17.49 -5.13
N MET A 289 -12.02 17.95 -6.19
CA MET A 289 -12.66 18.18 -7.51
C MET A 289 -13.25 16.88 -8.10
N VAL A 290 -12.98 15.70 -7.54
CA VAL A 290 -13.73 14.48 -7.95
C VAL A 290 -15.24 14.73 -7.72
N THR A 291 -15.63 15.51 -6.71
CA THR A 291 -17.09 15.82 -6.45
C THR A 291 -17.75 16.56 -7.62
N ASN A 292 -16.98 17.26 -8.44
CA ASN A 292 -17.52 17.95 -9.66
C ASN A 292 -18.20 16.95 -10.59
N HIS A 293 -17.90 15.66 -10.45
CA HIS A 293 -18.37 14.57 -11.36
C HIS A 293 -19.54 13.80 -10.74
N MET A 294 -19.97 14.21 -9.56
CA MET A 294 -21.02 13.53 -8.76
C MET A 294 -22.33 14.30 -8.87
N GLU A 295 -23.41 13.79 -8.29
CA GLU A 295 -24.74 14.44 -8.29
C GLU A 295 -25.53 14.04 -7.05
N GLY A 296 -26.55 14.84 -6.75
CA GLY A 296 -27.54 14.60 -5.69
C GLY A 296 -26.88 14.48 -4.33
N GLU A 297 -27.36 13.52 -3.54
CA GLU A 297 -26.93 13.17 -2.17
C GLU A 297 -25.42 12.92 -2.16
N HIS A 298 -24.95 12.02 -3.01
CA HIS A 298 -23.53 11.57 -3.10
C HIS A 298 -22.63 12.80 -3.12
N LYS A 299 -22.90 13.74 -4.03
CA LYS A 299 -22.09 14.97 -4.19
C LYS A 299 -21.94 15.67 -2.85
N LYS A 300 -23.02 15.76 -2.07
CA LYS A 300 -23.02 16.51 -0.77
C LYS A 300 -22.29 15.68 0.29
N LEU A 301 -22.60 14.39 0.36
CA LEU A 301 -21.94 13.42 1.27
C LEU A 301 -20.40 13.44 1.02
N ALA A 302 -19.93 13.41 -0.23
CA ALA A 302 -18.49 13.39 -0.59
C ALA A 302 -17.87 14.75 -0.25
N GLU A 303 -18.59 15.84 -0.54
CA GLU A 303 -18.15 17.23 -0.22
C GLU A 303 -17.92 17.36 1.29
N ALA A 304 -18.71 16.69 2.12
CA ALA A 304 -18.63 16.81 3.59
C ALA A 304 -17.44 15.99 4.10
N ILE A 305 -17.17 14.82 3.51
CA ILE A 305 -15.94 14.04 3.87
C ILE A 305 -14.72 14.95 3.61
N PHE A 306 -14.59 15.52 2.41
CA PHE A 306 -13.42 16.35 2.01
C PHE A 306 -13.31 17.57 2.93
N LYS A 307 -14.41 18.31 3.16
CA LYS A 307 -14.45 19.58 3.98
C LYS A 307 -14.21 19.29 5.47
N LEU A 308 -14.94 18.34 6.05
CA LEU A 308 -15.08 18.23 7.52
C LEU A 308 -14.05 17.27 8.12
N THR A 309 -13.60 16.26 7.36
CA THR A 309 -12.69 15.21 7.87
C THR A 309 -11.29 15.32 7.23
N TYR A 310 -11.13 15.80 6.00
CA TYR A 310 -9.82 15.80 5.29
C TYR A 310 -9.17 17.18 5.38
N GLN A 311 -9.91 18.24 5.04
CA GLN A 311 -9.40 19.64 5.02
C GLN A 311 -9.49 20.29 6.41
N ASN A 312 -10.11 19.61 7.37
CA ASN A 312 -10.12 19.91 8.82
C ASN A 312 -10.10 18.58 9.58
N LYS A 313 -9.17 18.39 10.49
CA LYS A 313 -8.98 17.10 11.18
C LYS A 313 -8.96 17.34 12.68
N VAL A 314 -9.48 16.38 13.45
CA VAL A 314 -9.38 16.35 14.93
C VAL A 314 -8.78 14.99 15.26
N VAL A 315 -7.76 14.97 16.11
CA VAL A 315 -6.95 13.76 16.36
C VAL A 315 -6.71 13.63 17.86
N ARG A 316 -6.64 12.41 18.35
CA ARG A 316 -6.32 12.11 19.76
C ARG A 316 -5.03 11.29 19.82
N VAL A 317 -4.02 11.79 20.53
CA VAL A 317 -2.64 11.22 20.58
C VAL A 317 -2.30 10.87 22.03
N GLN A 318 -1.79 9.65 22.27
CA GLN A 318 -1.24 9.18 23.56
C GLN A 318 0.11 9.86 23.80
N ARG A 319 0.24 10.65 24.87
CA ARG A 319 1.51 11.25 25.35
C ARG A 319 1.86 10.66 26.72
N PRO A 320 3.08 10.12 26.93
CA PRO A 320 3.47 9.50 28.21
C PRO A 320 3.56 10.45 29.42
N THR A 321 3.86 11.73 29.18
CA THR A 321 4.04 12.78 30.22
C THR A 321 2.83 12.81 31.15
N THR A 325 0.46 9.44 31.54
CA THR A 325 -0.16 9.28 30.19
C THR A 325 -1.45 10.09 30.13
N VAL A 326 -1.51 11.10 29.25
CA VAL A 326 -2.76 11.85 28.91
C VAL A 326 -3.11 11.59 27.44
N MET A 327 -4.25 12.13 27.00
CA MET A 327 -4.71 12.15 25.59
C MET A 327 -4.77 13.61 25.13
N ASP A 328 -3.99 13.98 24.11
CA ASP A 328 -3.99 15.33 23.51
C ASP A 328 -5.01 15.38 22.37
N ILE A 329 -5.75 16.48 22.26
CA ILE A 329 -6.78 16.70 21.22
C ILE A 329 -6.27 17.87 20.38
N ILE A 330 -5.80 17.55 19.18
CA ILE A 330 -5.06 18.48 18.29
C ILE A 330 -5.77 18.52 16.94
N SER A 331 -5.64 19.62 16.20
CA SER A 331 -6.25 19.80 14.87
C SER A 331 -5.18 20.29 13.86
N ARG A 332 -5.42 20.07 12.57
CA ARG A 332 -4.70 20.76 11.46
C ARG A 332 -5.47 20.53 10.16
N ARG A 333 -5.17 21.37 9.18
CA ARG A 333 -5.95 21.47 7.92
C ARG A 333 -5.34 20.54 6.85
N ASP A 334 -4.01 20.43 6.79
CA ASP A 334 -3.26 19.77 5.70
C ASP A 334 -2.69 18.42 6.15
N GLN A 335 -1.86 17.79 5.29
CA GLN A 335 -1.35 16.40 5.42
C GLN A 335 -2.45 15.40 5.08
N ARG A 336 -2.02 14.16 4.82
CA ARG A 336 -2.90 13.01 4.55
C ARG A 336 -3.25 12.35 5.88
N GLY A 337 -4.55 12.20 6.07
CA GLY A 337 -5.20 11.48 7.17
C GLY A 337 -6.58 11.08 6.70
N SER A 338 -6.68 9.84 6.24
CA SER A 338 -7.90 9.20 5.68
C SER A 338 -7.75 7.73 6.00
N GLY A 339 -8.73 6.91 5.65
CA GLY A 339 -8.57 5.44 5.58
C GLY A 339 -7.44 5.10 4.63
N GLN A 340 -6.75 4.00 4.89
CA GLN A 340 -5.57 3.59 4.09
C GLN A 340 -6.00 3.31 2.63
N VAL A 341 -7.24 2.88 2.38
CA VAL A 341 -7.64 2.54 0.99
C VAL A 341 -7.94 3.82 0.21
N VAL A 342 -8.69 4.75 0.80
CA VAL A 342 -8.86 6.10 0.18
C VAL A 342 -7.49 6.79 0.09
N THR A 343 -6.66 6.73 1.12
CA THR A 343 -5.28 7.27 1.05
C THR A 343 -4.54 6.74 -0.18
N TYR A 344 -4.65 5.44 -0.49
CA TYR A 344 -3.93 4.84 -1.62
C TYR A 344 -4.37 5.53 -2.91
N GLY A 345 -5.69 5.69 -3.13
CA GLY A 345 -6.21 6.19 -4.42
C GLY A 345 -5.89 7.66 -4.59
N LEU A 346 -5.98 8.47 -3.54
CA LEU A 346 -5.69 9.91 -3.63
C LEU A 346 -4.17 10.17 -3.72
N ASN A 347 -3.36 9.39 -3.01
CA ASN A 347 -1.88 9.37 -3.20
C ASN A 347 -1.58 9.06 -4.67
N THR A 348 -2.17 8.03 -5.27
CA THR A 348 -1.92 7.69 -6.69
C THR A 348 -2.30 8.89 -7.58
N PHE A 349 -3.47 9.47 -7.35
CA PHE A 349 -3.98 10.62 -8.15
C PHE A 349 -2.97 11.78 -8.11
N THR A 350 -2.58 12.21 -6.92
CA THR A 350 -1.76 13.43 -6.71
C THR A 350 -0.34 13.12 -7.21
N ASN A 351 0.13 11.87 -7.10
CA ASN A 351 1.47 11.47 -7.60
C ASN A 351 1.41 11.48 -9.14
N MET A 352 0.33 10.99 -9.75
CA MET A 352 0.21 11.04 -11.24
C MET A 352 0.29 12.52 -11.67
N GLU A 353 -0.41 13.38 -10.95
CA GLU A 353 -0.49 14.83 -11.27
C GLU A 353 0.92 15.45 -11.19
N ALA A 354 1.59 15.27 -10.06
CA ALA A 354 2.95 15.77 -9.79
C ALA A 354 3.93 15.28 -10.85
N GLN A 355 3.89 14.01 -11.22
CA GLN A 355 4.87 13.47 -12.18
C GLN A 355 4.55 14.00 -13.60
N LEU A 356 3.28 14.22 -13.96
CA LEU A 356 2.96 14.84 -15.30
C LEU A 356 3.52 16.27 -15.35
N ILE A 357 3.42 17.00 -14.25
CA ILE A 357 3.95 18.40 -14.16
C ILE A 357 5.48 18.34 -14.24
N ARG A 358 6.14 17.40 -13.55
CA ARG A 358 7.61 17.27 -13.68
C ARG A 358 7.97 16.96 -15.13
N GLN A 359 7.21 16.09 -15.81
CA GLN A 359 7.44 15.81 -17.25
C GLN A 359 7.23 17.13 -18.05
N MET A 360 6.19 17.92 -17.78
CA MET A 360 5.98 19.22 -18.50
C MET A 360 7.23 20.11 -18.33
N GLU A 361 7.74 20.25 -17.11
CA GLU A 361 8.94 21.04 -16.82
C GLU A 361 10.13 20.59 -17.67
N GLY A 362 10.39 19.29 -17.77
CA GLY A 362 11.56 18.80 -18.52
C GLY A 362 11.40 19.09 -20.03
N GLU A 363 10.16 19.07 -20.52
CA GLU A 363 9.85 19.25 -21.96
C GLU A 363 9.75 20.75 -22.29
N GLY A 364 9.93 21.63 -21.32
CA GLY A 364 9.91 23.09 -21.55
C GLY A 364 8.53 23.63 -21.85
N VAL A 365 7.45 22.99 -21.36
CA VAL A 365 6.05 23.41 -21.65
C VAL A 365 5.80 24.77 -20.98
N PHE A 366 6.44 25.02 -19.84
CA PHE A 366 6.36 26.26 -19.03
C PHE A 366 7.77 26.63 -18.57
N LYS A 367 8.03 27.91 -18.34
CA LYS A 367 9.39 28.47 -18.16
C LYS A 367 9.66 28.65 -16.66
N SER A 368 8.66 29.05 -15.87
CA SER A 368 8.83 29.36 -14.43
C SER A 368 7.55 29.11 -13.64
N ILE A 369 7.72 28.71 -12.38
CA ILE A 369 6.63 28.34 -11.45
C ILE A 369 6.09 29.60 -10.77
N GLN A 370 6.80 30.72 -10.93
CA GLN A 370 6.44 32.00 -10.28
C GLN A 370 5.06 32.41 -10.78
N HIS A 371 4.81 32.20 -12.07
CA HIS A 371 3.62 32.73 -12.78
C HIS A 371 3.53 32.09 -14.17
N LEU A 372 2.37 31.49 -14.47
CA LEU A 372 1.97 31.07 -15.83
C LEU A 372 1.39 32.29 -16.54
N THR A 373 1.86 32.56 -17.76
CA THR A 373 1.28 33.57 -18.68
C THR A 373 -0.04 32.99 -19.19
N VAL A 374 -0.87 33.79 -19.85
CA VAL A 374 -2.17 33.33 -20.42
C VAL A 374 -1.90 32.24 -21.46
N THR A 375 -0.84 32.43 -22.26
CA THR A 375 -0.51 31.55 -23.41
C THR A 375 0.21 30.28 -22.89
N GLU A 376 0.84 30.32 -21.71
CA GLU A 376 1.45 29.10 -21.10
C GLU A 376 0.31 28.20 -20.64
N GLU A 377 -0.77 28.76 -20.06
CA GLU A 377 -1.98 27.97 -19.68
C GLU A 377 -2.49 27.19 -20.89
N ILE A 378 -2.69 27.85 -22.02
CA ILE A 378 -3.23 27.19 -23.25
C ILE A 378 -2.22 26.12 -23.71
N ALA A 379 -0.91 26.38 -23.58
CA ALA A 379 0.17 25.43 -23.94
C ALA A 379 0.07 24.16 -23.06
N VAL A 380 -0.07 24.33 -21.75
CA VAL A 380 -0.22 23.22 -20.76
C VAL A 380 -1.47 22.42 -21.13
N LYS A 381 -2.63 23.09 -21.29
CA LYS A 381 -3.93 22.45 -21.65
C LYS A 381 -3.75 21.63 -22.92
N ASN A 382 -3.03 22.21 -23.88
CA ASN A 382 -2.89 21.63 -25.25
C ASN A 382 -1.96 20.42 -25.20
N TRP A 383 -0.91 20.50 -24.37
CA TRP A 383 0.00 19.36 -24.11
C TRP A 383 -0.82 18.16 -23.54
N LEU A 384 -1.63 18.42 -22.52
CA LEU A 384 -2.47 17.37 -21.87
C LEU A 384 -3.37 16.69 -22.91
N VAL A 385 -4.11 17.47 -23.70
CA VAL A 385 -5.08 16.99 -24.73
C VAL A 385 -4.30 16.21 -25.78
N ARG A 386 -3.17 16.75 -26.22
CA ARG A 386 -2.37 16.20 -27.35
C ARG A 386 -1.58 14.96 -26.90
N VAL A 387 -0.85 15.00 -25.76
CA VAL A 387 0.09 13.88 -25.41
C VAL A 387 -0.13 13.34 -23.98
N GLY A 388 -1.11 13.88 -23.24
CA GLY A 388 -1.34 13.55 -21.80
C GLY A 388 -1.45 12.06 -21.59
N ARG A 389 -2.23 11.35 -22.40
CA ARG A 389 -2.46 9.90 -22.23
C ARG A 389 -1.14 9.17 -22.55
N GLU A 390 -0.38 9.64 -23.54
CA GLU A 390 0.93 9.00 -23.88
C GLU A 390 1.87 9.13 -22.66
N ARG A 391 1.86 10.30 -22.01
CA ARG A 391 2.79 10.63 -20.89
C ARG A 391 2.39 9.80 -19.65
N LEU A 392 1.10 9.51 -19.46
CA LEU A 392 0.62 8.66 -18.32
C LEU A 392 1.14 7.22 -18.53
N SER A 393 1.18 6.76 -19.77
CA SER A 393 1.58 5.38 -20.14
C SER A 393 3.07 5.21 -19.91
N ARG A 394 3.83 6.30 -19.68
CA ARG A 394 5.29 6.27 -19.46
C ARG A 394 5.55 6.05 -17.97
N MET A 395 4.51 5.88 -17.18
CA MET A 395 4.65 5.79 -15.70
C MET A 395 3.99 4.51 -15.13
N ALA A 396 4.54 4.05 -14.00
CA ALA A 396 3.93 3.04 -13.12
C ALA A 396 3.88 3.67 -11.72
N ILE A 397 2.68 3.90 -11.21
CA ILE A 397 2.45 4.67 -9.97
C ILE A 397 1.53 3.87 -9.03
N SER A 398 2.04 3.63 -7.83
CA SER A 398 1.37 2.91 -6.75
C SER A 398 1.42 3.79 -5.51
N GLY A 399 0.38 4.59 -5.30
CA GLY A 399 0.40 5.59 -4.21
C GLY A 399 1.59 6.53 -4.33
N ASP A 400 2.42 6.61 -3.29
CA ASP A 400 3.59 7.53 -3.29
C ASP A 400 4.74 6.93 -4.11
N ASP A 401 4.61 5.72 -4.62
CA ASP A 401 5.72 5.03 -5.32
C ASP A 401 5.58 5.23 -6.83
N CYS A 402 6.62 5.71 -7.51
CA CYS A 402 6.56 5.89 -8.97
C CYS A 402 7.82 5.41 -9.67
N VAL A 403 7.63 5.07 -10.95
CA VAL A 403 8.68 4.84 -11.97
C VAL A 403 8.21 5.62 -13.20
N VAL A 404 9.08 6.45 -13.75
CA VAL A 404 8.78 7.36 -14.89
C VAL A 404 9.85 7.15 -15.96
N LYS A 405 9.46 6.87 -17.19
CA LYS A 405 10.40 6.89 -18.33
C LYS A 405 10.06 8.12 -19.20
N PRO A 406 10.69 9.28 -18.93
CA PRO A 406 10.36 10.51 -19.63
C PRO A 406 10.89 10.49 -21.05
N LEU A 407 10.46 11.47 -21.84
CA LEU A 407 10.86 11.65 -23.26
C LEU A 407 12.40 11.71 -23.38
N ASP A 408 13.12 12.26 -22.39
CA ASP A 408 14.60 12.39 -22.43
C ASP A 408 15.10 12.70 -21.02
N ASP A 409 16.39 12.94 -20.84
CA ASP A 409 16.97 13.09 -19.48
C ASP A 409 16.92 14.54 -18.98
N ARG A 410 16.26 15.47 -19.68
CA ARG A 410 16.06 16.83 -19.08
C ARG A 410 15.24 16.71 -17.78
N PHE A 411 14.37 15.70 -17.71
CA PHE A 411 13.55 15.32 -16.53
C PHE A 411 14.40 15.33 -15.26
N ALA A 412 15.62 14.75 -15.30
CA ALA A 412 16.55 14.56 -14.16
C ALA A 412 16.78 15.85 -13.37
N SER A 413 16.90 17.00 -14.05
CA SER A 413 17.23 18.31 -13.43
C SER A 413 16.00 19.22 -13.44
N ALA A 414 14.81 18.72 -13.81
CA ALA A 414 13.55 19.52 -13.76
C ALA A 414 12.96 19.38 -12.35
N LEU A 415 13.38 20.23 -11.42
CA LEU A 415 13.13 20.06 -9.96
C LEU A 415 12.31 21.22 -9.37
N THR A 416 12.02 22.30 -10.09
CA THR A 416 11.43 23.51 -9.46
C THR A 416 9.99 23.23 -9.04
N ALA A 417 9.16 22.68 -9.94
CA ALA A 417 7.74 22.39 -9.62
C ALA A 417 7.69 21.30 -8.54
N LEU A 418 8.50 20.24 -8.68
CA LEU A 418 8.48 19.09 -7.73
C LEU A 418 8.80 19.59 -6.33
N ASN A 419 9.84 20.42 -6.18
CA ASN A 419 10.26 20.95 -4.85
C ASN A 419 9.18 21.94 -4.36
N ASP A 420 8.65 22.79 -5.21
CA ASP A 420 7.66 23.85 -4.82
C ASP A 420 6.29 23.23 -4.49
N MET A 421 5.92 22.08 -5.07
CA MET A 421 4.70 21.32 -4.67
C MET A 421 4.90 20.68 -3.30
N GLY A 422 6.14 20.67 -2.77
CA GLY A 422 6.53 20.08 -1.46
C GLY A 422 6.88 18.59 -1.54
N LYS A 423 6.95 18.00 -2.74
CA LYS A 423 7.30 16.56 -2.95
C LYS A 423 8.82 16.40 -3.09
N VAL A 424 9.51 16.72 -1.99
CA VAL A 424 11.00 16.73 -1.83
C VAL A 424 11.50 15.27 -1.84
N ARG A 425 12.52 15.01 -2.66
CA ARG A 425 13.09 13.65 -2.85
C ARG A 425 13.87 13.25 -1.60
N LYS A 426 13.83 11.96 -1.28
CA LYS A 426 14.54 11.28 -0.15
C LYS A 426 16.03 11.08 -0.53
N ASP A 427 16.96 11.31 0.41
CA ASP A 427 18.36 10.82 0.30
C ASP A 427 19.06 11.39 -0.96
N ILE A 428 18.84 12.67 -1.25
CA ILE A 428 19.55 13.44 -2.30
C ILE A 428 19.34 14.91 -1.96
N GLN A 429 20.26 15.79 -2.35
CA GLN A 429 20.19 17.24 -2.02
C GLN A 429 19.20 17.91 -2.98
N GLN A 430 18.48 18.90 -2.46
CA GLN A 430 17.30 19.51 -3.11
C GLN A 430 17.52 19.75 -4.59
N TRP A 431 18.70 20.21 -5.02
CA TRP A 431 18.91 20.73 -6.39
C TRP A 431 19.84 19.83 -7.19
N GLU A 432 20.28 18.71 -6.60
CA GLU A 432 21.12 17.66 -7.24
C GLU A 432 20.22 16.88 -8.20
N PRO A 433 20.62 16.73 -9.48
CA PRO A 433 19.79 16.04 -10.47
C PRO A 433 19.55 14.57 -10.11
N SER A 434 18.37 14.03 -10.42
CA SER A 434 18.02 12.63 -10.11
C SER A 434 18.97 11.68 -10.85
N ARG A 435 19.36 10.59 -10.18
CA ARG A 435 20.05 9.42 -10.79
C ARG A 435 19.00 8.47 -11.38
N GLY A 436 19.04 8.25 -12.69
CA GLY A 436 18.13 7.31 -13.37
C GLY A 436 18.72 5.90 -13.48
N TRP A 437 17.90 4.96 -13.90
CA TRP A 437 18.30 3.55 -14.11
C TRP A 437 18.33 3.30 -15.61
N ASN A 438 19.38 2.64 -16.10
CA ASN A 438 19.52 2.26 -17.52
C ASN A 438 18.88 0.92 -17.82
N ASP A 439 18.51 0.12 -16.82
CA ASP A 439 18.01 -1.27 -17.09
C ASP A 439 16.78 -1.48 -16.22
N TRP A 440 15.64 -1.78 -16.84
CA TRP A 440 14.35 -1.99 -16.14
C TRP A 440 14.50 -3.07 -15.06
N THR A 441 15.45 -3.98 -15.20
CA THR A 441 15.66 -5.09 -14.22
C THR A 441 16.35 -4.62 -12.95
N GLN A 442 16.83 -3.37 -12.94
N GLN A 442 16.83 -3.37 -12.92
CA GLN A 442 17.53 -2.74 -11.79
CA GLN A 442 17.49 -2.78 -11.72
C GLN A 442 16.58 -1.78 -11.04
C GLN A 442 16.59 -1.75 -11.03
N VAL A 443 15.47 -1.37 -11.66
CA VAL A 443 14.56 -0.32 -11.11
C VAL A 443 13.87 -0.85 -9.86
N PRO A 444 13.89 -0.13 -8.72
CA PRO A 444 13.08 -0.53 -7.58
C PRO A 444 11.62 -0.10 -7.77
N PHE A 445 10.66 -0.92 -7.36
CA PHE A 445 9.21 -0.57 -7.38
C PHE A 445 8.47 -1.50 -6.43
N CYS A 446 7.64 -0.92 -5.57
CA CYS A 446 6.78 -1.65 -4.56
C CYS A 446 7.66 -2.64 -3.76
N SER A 447 8.84 -2.19 -3.34
CA SER A 447 9.83 -2.91 -2.50
C SER A 447 10.46 -4.09 -3.25
N HIS A 448 10.31 -4.18 -4.57
CA HIS A 448 10.89 -5.28 -5.37
C HIS A 448 11.80 -4.76 -6.50
N HIS A 449 12.56 -5.68 -7.08
CA HIS A 449 13.10 -5.59 -8.46
C HIS A 449 12.62 -6.83 -9.21
N PHE A 450 12.89 -6.87 -10.50
CA PHE A 450 12.28 -7.86 -11.41
C PHE A 450 13.36 -8.47 -12.29
N HIS A 451 13.34 -9.80 -12.38
CA HIS A 451 14.28 -10.58 -13.24
C HIS A 451 13.56 -11.08 -14.48
N GLU A 452 14.28 -11.16 -15.61
CA GLU A 452 13.85 -11.87 -16.84
C GLU A 452 14.38 -13.31 -16.76
N LEU A 453 13.51 -14.30 -16.76
CA LEU A 453 13.91 -15.70 -16.47
C LEU A 453 13.42 -16.58 -17.61
N ILE A 454 14.34 -17.24 -18.33
CA ILE A 454 13.94 -18.00 -19.55
C ILE A 454 13.77 -19.47 -19.17
N MET A 455 12.59 -19.99 -19.43
CA MET A 455 12.25 -21.42 -19.17
C MET A 455 13.00 -22.29 -20.18
N LYS A 456 13.27 -23.55 -19.81
CA LYS A 456 13.99 -24.54 -20.64
C LYS A 456 13.33 -24.64 -22.02
N ASP A 457 12.02 -24.38 -22.11
CA ASP A 457 11.25 -24.41 -23.40
C ASP A 457 11.24 -23.05 -24.13
N GLY A 458 12.02 -22.06 -23.68
CA GLY A 458 12.19 -20.77 -24.38
C GLY A 458 11.19 -19.71 -23.96
N ARG A 459 10.12 -20.03 -23.23
CA ARG A 459 9.12 -19.00 -22.89
C ARG A 459 9.70 -18.08 -21.79
N VAL A 460 9.22 -16.83 -21.73
CA VAL A 460 9.84 -15.79 -20.86
C VAL A 460 8.95 -15.47 -19.67
N LEU A 461 9.52 -15.63 -18.47
CA LEU A 461 8.88 -15.19 -17.20
C LEU A 461 9.54 -13.90 -16.73
N VAL A 462 8.75 -12.92 -16.35
CA VAL A 462 9.28 -11.74 -15.62
C VAL A 462 8.79 -11.87 -14.18
N VAL A 463 9.75 -12.05 -13.27
CA VAL A 463 9.43 -12.48 -11.88
C VAL A 463 9.82 -11.40 -10.89
N PRO A 464 9.04 -11.27 -9.81
CA PRO A 464 9.34 -10.37 -8.69
C PRO A 464 10.41 -10.93 -7.74
N CYS A 465 11.20 -10.03 -7.15
CA CYS A 465 12.32 -10.46 -6.28
C CYS A 465 12.63 -9.39 -5.26
N ARG A 466 13.10 -9.79 -4.08
CA ARG A 466 13.75 -8.86 -3.14
C ARG A 466 14.72 -9.64 -2.27
N ASN A 467 15.54 -8.92 -1.53
CA ASN A 467 16.57 -9.59 -0.70
C ASN A 467 15.88 -10.69 0.14
N GLN A 468 16.43 -11.90 0.16
CA GLN A 468 15.73 -13.08 0.70
C GLN A 468 15.68 -12.97 2.24
N ASP A 469 16.60 -12.23 2.85
CA ASP A 469 16.53 -12.02 4.32
C ASP A 469 15.21 -11.33 4.65
N GLU A 470 14.76 -10.39 3.81
CA GLU A 470 13.52 -9.62 4.08
C GLU A 470 12.34 -10.59 4.00
N LEU A 471 12.31 -11.49 3.03
CA LEU A 471 11.18 -12.42 2.85
C LEU A 471 11.09 -13.40 4.01
N ILE A 472 12.20 -14.01 4.38
CA ILE A 472 12.21 -15.00 5.49
C ILE A 472 11.89 -14.32 6.83
N GLY A 473 12.44 -13.14 7.07
CA GLY A 473 12.24 -12.39 8.33
C GLY A 473 10.78 -11.96 8.51
N ARG A 474 10.10 -11.60 7.43
CA ARG A 474 8.65 -11.22 7.48
C ARG A 474 7.78 -12.46 7.75
N ALA A 475 8.07 -13.60 7.11
CA ALA A 475 7.25 -14.83 7.25
C ALA A 475 7.38 -15.39 8.67
N ARG A 476 8.45 -15.01 9.39
CA ARG A 476 8.69 -15.47 10.79
C ARG A 476 7.91 -14.65 11.82
N ILE A 477 7.15 -13.65 11.38
CA ILE A 477 6.46 -12.70 12.28
C ILE A 477 4.95 -12.87 12.10
N SER A 478 4.24 -12.85 13.24
CA SER A 478 2.76 -12.78 13.35
C SER A 478 2.38 -11.48 14.06
N GLN A 479 1.14 -11.01 13.89
CA GLN A 479 0.62 -9.81 14.60
C GLN A 479 -0.56 -10.27 15.45
N GLY A 480 -0.65 -9.79 16.69
CA GLY A 480 -1.82 -10.00 17.57
C GLY A 480 -1.67 -11.21 18.50
N ALA A 481 -2.65 -11.39 19.39
CA ALA A 481 -2.67 -12.35 20.50
C ALA A 481 -3.66 -13.47 20.21
N GLY A 482 -3.61 -14.53 21.04
CA GLY A 482 -4.58 -15.63 21.06
C GLY A 482 -4.49 -16.49 19.83
N TRP A 483 -3.28 -16.63 19.24
CA TRP A 483 -3.12 -17.54 18.08
C TRP A 483 -3.04 -18.99 18.58
N SER A 484 -3.93 -19.84 18.13
CA SER A 484 -3.81 -21.31 18.34
C SER A 484 -2.62 -21.83 17.51
N LEU A 485 -2.20 -23.09 17.74
CA LEU A 485 -1.16 -23.75 16.90
C LEU A 485 -1.67 -23.91 15.47
N ARG A 486 -2.95 -24.29 15.32
CA ARG A 486 -3.58 -24.45 13.99
C ARG A 486 -3.56 -23.11 13.24
N GLU A 487 -3.93 -22.01 13.89
CA GLU A 487 -3.95 -20.69 13.22
C GLU A 487 -2.50 -20.27 12.85
N THR A 488 -1.53 -20.50 13.73
CA THR A 488 -0.10 -20.19 13.43
C THR A 488 0.33 -21.00 12.20
N ALA A 489 -0.01 -22.29 12.16
CA ALA A 489 0.32 -23.19 11.04
C ALA A 489 -0.28 -22.67 9.73
N CYS A 490 -1.55 -22.24 9.76
CA CYS A 490 -2.29 -21.77 8.55
C CYS A 490 -1.67 -20.45 8.04
N LEU A 491 -1.22 -19.57 8.93
CA LEU A 491 -0.43 -18.37 8.51
C LEU A 491 0.91 -18.79 7.89
N GLY A 492 1.60 -19.78 8.45
CA GLY A 492 2.84 -20.26 7.84
C GLY A 492 2.56 -20.77 6.42
N LYS A 493 1.46 -21.49 6.27
CA LYS A 493 1.03 -22.05 4.95
C LYS A 493 0.74 -20.93 3.95
N SER A 494 0.11 -19.83 4.35
CA SER A 494 -0.12 -18.67 3.45
C SER A 494 1.22 -18.14 2.93
N TYR A 495 2.22 -17.95 3.79
CA TYR A 495 3.57 -17.46 3.35
C TYR A 495 4.17 -18.47 2.37
N ALA A 496 4.09 -19.75 2.70
CA ALA A 496 4.68 -20.84 1.89
C ALA A 496 4.06 -20.84 0.50
N GLN A 497 2.74 -20.71 0.39
CA GLN A 497 2.05 -20.71 -0.94
C GLN A 497 2.38 -19.40 -1.69
N MET A 498 2.50 -18.24 -1.01
CA MET A 498 2.95 -17.02 -1.70
C MET A 498 4.34 -17.28 -2.31
N TRP A 499 5.25 -17.89 -1.56
CA TRP A 499 6.62 -18.15 -2.05
C TRP A 499 6.59 -19.06 -3.31
N SER A 500 5.78 -20.12 -3.30
CA SER A 500 5.65 -21.07 -4.43
C SER A 500 5.14 -20.33 -5.67
N LEU A 501 4.27 -19.34 -5.50
CA LEU A 501 3.68 -18.61 -6.66
C LEU A 501 4.56 -17.43 -7.12
N MET A 502 5.17 -16.68 -6.20
CA MET A 502 5.87 -15.40 -6.53
C MET A 502 7.39 -15.61 -6.58
N TYR A 503 7.95 -16.47 -5.74
CA TYR A 503 9.41 -16.52 -5.46
C TYR A 503 9.94 -17.95 -5.72
N PHE A 504 9.27 -18.72 -6.58
CA PHE A 504 9.61 -20.13 -6.92
C PHE A 504 11.05 -20.22 -7.47
N HIS A 505 11.55 -19.10 -7.99
CA HIS A 505 12.86 -18.96 -8.68
C HIS A 505 14.02 -18.81 -7.68
N ARG A 506 13.72 -18.68 -6.39
CA ARG A 506 14.72 -18.61 -5.27
C ARG A 506 14.80 -20.03 -4.69
N ARG A 507 15.95 -20.69 -4.80
CA ARG A 507 16.13 -22.10 -4.40
C ARG A 507 15.69 -22.29 -2.94
N ASP A 508 16.13 -21.44 -2.03
CA ASP A 508 15.85 -21.63 -0.58
C ASP A 508 14.34 -21.53 -0.30
N LEU A 509 13.65 -20.62 -0.99
CA LEU A 509 12.21 -20.37 -0.72
C LEU A 509 11.39 -21.51 -1.36
N ARG A 510 11.76 -22.06 -2.50
CA ARG A 510 10.95 -23.17 -3.07
C ARG A 510 11.08 -24.39 -2.14
N LEU A 511 12.27 -24.63 -1.60
CA LEU A 511 12.52 -25.74 -0.66
C LEU A 511 11.76 -25.46 0.65
N ALA A 512 11.88 -24.29 1.25
CA ALA A 512 11.20 -23.99 2.54
C ALA A 512 9.68 -24.00 2.35
N ALA A 513 9.17 -23.56 1.19
CA ALA A 513 7.71 -23.56 0.90
C ALA A 513 7.21 -25.01 0.88
N ASN A 514 7.94 -25.88 0.18
CA ASN A 514 7.61 -27.34 0.13
C ASN A 514 7.66 -27.95 1.52
N ALA A 515 8.67 -27.62 2.31
CA ALA A 515 8.78 -28.12 3.71
C ALA A 515 7.55 -27.68 4.52
N ILE A 516 7.19 -26.40 4.52
CA ILE A 516 6.04 -25.90 5.31
C ILE A 516 4.75 -26.59 4.84
N CYS A 517 4.52 -26.71 3.53
CA CYS A 517 3.28 -27.32 2.99
C CYS A 517 3.26 -28.80 3.35
N SER A 518 4.42 -29.42 3.56
CA SER A 518 4.51 -30.84 3.98
C SER A 518 4.24 -30.94 5.50
N ALA A 519 4.52 -29.89 6.26
CA ALA A 519 4.50 -29.92 7.75
C ALA A 519 3.11 -29.55 8.27
N VAL A 520 2.30 -28.90 7.46
CA VAL A 520 0.94 -28.43 7.82
C VAL A 520 -0.07 -29.40 7.19
N PRO A 521 -1.13 -29.83 7.92
CA PRO A 521 -2.11 -30.75 7.35
C PRO A 521 -2.60 -30.23 5.98
N SER A 522 -2.66 -31.13 5.00
CA SER A 522 -2.92 -30.83 3.57
C SER A 522 -4.21 -30.02 3.41
N HIS A 523 -5.28 -30.38 4.14
CA HIS A 523 -6.62 -29.73 3.98
C HIS A 523 -6.77 -28.46 4.82
N TRP A 524 -5.83 -28.10 5.70
CA TRP A 524 -5.97 -26.85 6.50
C TRP A 524 -5.82 -25.63 5.59
N VAL A 525 -6.70 -24.64 5.78
CA VAL A 525 -6.91 -23.51 4.86
C VAL A 525 -5.98 -22.37 5.28
N PRO A 526 -5.16 -21.85 4.35
CA PRO A 526 -4.33 -20.68 4.63
C PRO A 526 -5.15 -19.48 5.12
N THR A 527 -4.64 -18.75 6.12
CA THR A 527 -5.26 -17.56 6.74
C THR A 527 -4.27 -16.41 6.82
N SER A 528 -4.81 -15.23 7.13
CA SER A 528 -4.09 -13.96 7.37
C SER A 528 -5.02 -13.08 8.22
N ARG A 529 -4.51 -12.14 9.01
CA ARG A 529 -5.34 -11.20 9.84
C ARG A 529 -5.42 -9.81 9.18
N THR A 530 -4.45 -9.42 8.34
CA THR A 530 -4.54 -8.23 7.42
C THR A 530 -4.27 -8.69 5.98
N THR A 531 -5.34 -8.88 5.20
CA THR A 531 -5.29 -9.43 3.80
C THR A 531 -4.64 -8.39 2.88
N ALA A 536 -2.67 -5.60 -4.37
CA ALA A 536 -2.20 -6.94 -4.79
C ALA A 536 -3.37 -7.93 -4.86
N THR A 537 -3.27 -8.93 -5.76
CA THR A 537 -4.23 -10.07 -5.89
C THR A 537 -3.57 -11.28 -5.21
N HIS A 538 -4.29 -11.93 -4.29
CA HIS A 538 -3.75 -12.97 -3.37
C HIS A 538 -4.18 -14.37 -3.84
N GLU A 539 -3.66 -14.80 -5.00
CA GLU A 539 -3.98 -16.13 -5.60
C GLU A 539 -3.45 -17.31 -4.79
N TRP A 540 -2.54 -17.10 -3.83
CA TRP A 540 -2.00 -18.18 -2.96
C TRP A 540 -2.97 -18.47 -1.80
N MET A 541 -4.02 -17.67 -1.63
CA MET A 541 -4.97 -17.90 -0.51
C MET A 541 -6.04 -18.88 -1.02
N THR A 542 -5.76 -20.19 -0.94
CA THR A 542 -6.57 -21.25 -1.60
C THR A 542 -6.07 -22.60 -1.12
N THR A 543 -6.90 -23.64 -1.23
CA THR A 543 -6.50 -25.06 -0.97
C THR A 543 -6.32 -25.83 -2.27
N GLU A 544 -6.56 -25.20 -3.42
CA GLU A 544 -6.22 -25.77 -4.75
C GLU A 544 -4.72 -26.11 -4.82
N ASP A 545 -4.39 -27.07 -5.67
CA ASP A 545 -3.02 -27.57 -5.90
C ASP A 545 -2.15 -26.41 -6.43
N MET A 546 -0.97 -26.17 -5.85
CA MET A 546 -0.19 -24.94 -6.18
C MET A 546 0.35 -25.04 -7.61
N LEU A 547 0.55 -26.23 -8.19
CA LEU A 547 1.01 -26.30 -9.60
C LEU A 547 -0.12 -25.82 -10.52
N THR A 548 -1.38 -26.12 -10.18
CA THR A 548 -2.56 -25.70 -10.98
C THR A 548 -2.67 -24.17 -10.90
N VAL A 549 -2.53 -23.59 -9.71
CA VAL A 549 -2.55 -22.12 -9.55
C VAL A 549 -1.39 -21.49 -10.33
N TRP A 550 -0.17 -22.06 -10.26
CA TRP A 550 1.00 -21.54 -10.99
C TRP A 550 0.66 -21.48 -12.50
N ASN A 551 0.13 -22.55 -13.05
CA ASN A 551 -0.23 -22.63 -14.49
C ASN A 551 -1.25 -21.55 -14.84
N ARG A 552 -2.29 -21.37 -14.02
CA ARG A 552 -3.33 -20.36 -14.31
C ARG A 552 -2.68 -18.96 -14.35
N VAL A 553 -1.85 -18.62 -13.35
CA VAL A 553 -1.30 -17.25 -13.16
C VAL A 553 -0.20 -16.94 -14.20
N TRP A 554 0.77 -17.84 -14.38
CA TRP A 554 1.99 -17.57 -15.17
C TRP A 554 1.78 -17.93 -16.65
N ILE A 555 0.83 -18.82 -16.98
CA ILE A 555 0.63 -19.31 -18.38
C ILE A 555 -0.77 -18.89 -18.84
N GLN A 556 -1.84 -19.49 -18.31
CA GLN A 556 -3.21 -19.36 -18.89
C GLN A 556 -3.62 -17.88 -18.95
N GLU A 557 -3.58 -17.18 -17.82
CA GLU A 557 -4.16 -15.82 -17.70
C GLU A 557 -3.08 -14.73 -17.93
N ASN A 558 -1.86 -15.12 -18.32
CA ASN A 558 -0.73 -14.15 -18.50
C ASN A 558 -0.79 -13.58 -19.90
N PRO A 559 -1.18 -12.30 -20.09
CA PRO A 559 -1.31 -11.74 -21.43
C PRO A 559 0.04 -11.56 -22.16
N TRP A 560 1.17 -11.68 -21.46
CA TRP A 560 2.50 -11.58 -22.14
C TRP A 560 3.02 -12.95 -22.61
N MET A 561 2.28 -14.05 -22.39
CA MET A 561 2.67 -15.45 -22.72
C MET A 561 1.81 -15.92 -23.91
N GLU A 562 2.34 -15.97 -25.13
CA GLU A 562 1.52 -16.35 -26.31
C GLU A 562 1.24 -17.87 -26.31
N ASP A 563 2.23 -18.71 -26.08
CA ASP A 563 2.08 -20.20 -26.04
C ASP A 563 1.48 -20.64 -24.69
N LYS A 564 0.30 -21.27 -24.71
CA LYS A 564 -0.50 -21.59 -23.51
C LYS A 564 -0.32 -23.05 -23.09
N THR A 565 0.76 -23.70 -23.51
CA THR A 565 1.05 -25.13 -23.17
C THR A 565 1.24 -25.23 -21.67
N PRO A 566 0.40 -26.01 -20.93
CA PRO A 566 0.55 -26.12 -19.48
C PRO A 566 1.92 -26.73 -19.15
N VAL A 567 2.44 -26.39 -17.99
CA VAL A 567 3.64 -27.04 -17.38
C VAL A 567 3.14 -28.25 -16.58
N GLU A 568 3.82 -29.39 -16.65
CA GLU A 568 3.32 -30.70 -16.12
C GLU A 568 3.93 -30.98 -14.74
N SER A 569 5.07 -30.36 -14.41
CA SER A 569 5.71 -30.55 -13.09
C SER A 569 6.53 -29.31 -12.70
N TRP A 570 6.82 -29.22 -11.40
CA TRP A 570 7.65 -28.15 -10.82
C TRP A 570 9.05 -28.18 -11.46
N GLU A 571 9.54 -29.32 -11.93
CA GLU A 571 10.91 -29.38 -12.52
C GLU A 571 10.99 -28.60 -13.84
N GLU A 572 9.90 -28.40 -14.56
CA GLU A 572 9.90 -27.52 -15.76
C GLU A 572 10.08 -26.05 -15.36
N ILE A 573 9.91 -25.71 -14.08
CA ILE A 573 9.81 -24.29 -13.62
C ILE A 573 11.21 -23.89 -13.16
N PRO A 574 11.84 -22.86 -13.79
CA PRO A 574 13.24 -22.59 -13.57
C PRO A 574 13.55 -21.76 -12.32
N TYR A 575 14.82 -21.70 -11.95
CA TYR A 575 15.39 -20.80 -10.91
C TYR A 575 16.23 -19.70 -11.57
N LEU A 576 16.54 -18.65 -10.80
CA LEU A 576 17.56 -17.66 -11.18
C LEU A 576 18.87 -18.44 -11.36
N GLY A 577 19.86 -17.92 -12.11
CA GLY A 577 21.25 -18.42 -12.03
C GLY A 577 21.68 -18.56 -10.57
N LYS A 578 22.58 -19.51 -10.29
CA LYS A 578 23.10 -19.79 -8.92
C LYS A 578 23.76 -18.52 -8.35
N ARG A 579 24.51 -17.78 -9.17
CA ARG A 579 25.21 -16.57 -8.73
C ARG A 579 24.21 -15.44 -8.47
N GLU A 580 23.23 -15.27 -9.32
CA GLU A 580 22.14 -14.26 -9.10
C GLU A 580 21.36 -14.58 -7.81
N ASP A 581 21.14 -15.86 -7.52
CA ASP A 581 20.37 -16.29 -6.33
C ASP A 581 21.16 -15.87 -5.09
N GLN A 582 22.48 -16.10 -5.11
CA GLN A 582 23.37 -15.67 -4.01
C GLN A 582 23.35 -14.14 -3.88
N TRP A 583 23.50 -13.40 -4.99
CA TRP A 583 23.45 -11.91 -4.95
C TRP A 583 22.16 -11.45 -4.26
N CYS A 584 21.02 -12.11 -4.51
CA CYS A 584 19.72 -11.71 -3.93
C CYS A 584 19.47 -12.38 -2.58
N GLY A 585 20.52 -12.95 -1.95
CA GLY A 585 20.54 -13.31 -0.52
C GLY A 585 20.50 -14.82 -0.26
N SER A 586 20.51 -15.69 -1.30
CA SER A 586 20.49 -17.16 -1.09
C SER A 586 21.64 -17.61 -0.17
N LEU A 587 21.37 -18.67 0.60
CA LEU A 587 22.41 -19.34 1.42
C LEU A 587 23.01 -20.57 0.72
N ILE A 588 22.63 -20.84 -0.55
CA ILE A 588 23.25 -21.94 -1.34
C ILE A 588 24.77 -21.78 -1.26
N GLY A 589 25.47 -22.89 -1.00
CA GLY A 589 26.94 -22.87 -0.88
C GLY A 589 27.36 -22.89 0.58
N LEU A 590 26.50 -22.55 1.54
CA LEU A 590 26.87 -22.61 2.98
C LEU A 590 26.61 -24.01 3.52
N THR A 591 27.45 -24.42 4.46
CA THR A 591 27.34 -25.69 5.22
C THR A 591 26.04 -25.73 6.00
N SER A 592 25.65 -24.66 6.70
CA SER A 592 24.33 -24.59 7.40
C SER A 592 23.17 -24.99 6.46
N ARG A 593 23.17 -24.46 5.23
CA ARG A 593 22.06 -24.63 4.26
C ARG A 593 22.09 -26.05 3.71
N ALA A 594 23.27 -26.60 3.41
CA ALA A 594 23.40 -28.00 2.93
C ALA A 594 22.85 -28.99 3.98
N THR A 595 23.15 -28.78 5.26
CA THR A 595 22.68 -29.68 6.34
C THR A 595 21.17 -29.56 6.45
N TRP A 596 20.65 -28.33 6.39
CA TRP A 596 19.19 -28.06 6.46
C TRP A 596 18.48 -28.80 5.31
N ALA A 597 18.93 -28.64 4.06
CA ALA A 597 18.29 -29.26 2.89
C ALA A 597 18.33 -30.80 2.98
N LYS A 598 19.50 -31.35 3.33
CA LYS A 598 19.72 -32.82 3.45
C LYS A 598 18.79 -33.41 4.50
N ASN A 599 18.68 -32.78 5.67
CA ASN A 599 17.92 -33.29 6.84
C ASN A 599 16.51 -32.70 6.90
N ILE A 600 15.97 -32.22 5.79
CA ILE A 600 14.68 -31.44 5.86
C ILE A 600 13.50 -32.28 6.40
N GLN A 601 13.49 -33.60 6.13
CA GLN A 601 12.39 -34.50 6.58
C GLN A 601 12.36 -34.55 8.12
N THR A 602 13.52 -34.46 8.77
CA THR A 602 13.60 -34.41 10.26
C THR A 602 12.94 -33.13 10.79
N ALA A 603 13.09 -32.01 10.10
CA ALA A 603 12.50 -30.72 10.50
C ALA A 603 11.00 -30.82 10.29
N ILE A 604 10.61 -31.33 9.12
CA ILE A 604 9.17 -31.51 8.80
C ILE A 604 8.51 -32.37 9.89
N ASN A 605 9.16 -33.45 10.30
CA ASN A 605 8.63 -34.42 11.29
C ASN A 605 8.58 -33.78 12.69
N GLN A 606 9.49 -32.85 13.00
CA GLN A 606 9.46 -32.16 14.30
C GLN A 606 8.14 -31.37 14.38
N VAL A 607 7.80 -30.66 13.30
CA VAL A 607 6.58 -29.81 13.29
C VAL A 607 5.32 -30.72 13.24
N ARG A 608 5.31 -31.78 12.42
CA ARG A 608 4.18 -32.74 12.39
C ARG A 608 3.89 -33.33 13.79
N SER A 609 4.93 -33.69 14.52
CA SER A 609 4.84 -34.21 15.91
C SER A 609 4.22 -33.18 16.86
N LEU A 610 4.50 -31.90 16.69
CA LEU A 610 3.91 -30.84 17.55
C LEU A 610 2.42 -30.68 17.21
N ILE A 611 2.06 -30.66 15.92
CA ILE A 611 0.67 -30.42 15.49
C ILE A 611 -0.16 -31.67 15.82
N GLY A 612 0.42 -32.87 15.64
CA GLY A 612 -0.15 -34.17 16.05
C GLY A 612 -0.58 -35.04 14.88
N ASN A 613 -1.44 -36.02 15.15
CA ASN A 613 -1.82 -37.09 14.20
C ASN A 613 -2.92 -36.59 13.24
N GLU A 614 -2.51 -35.99 12.12
CA GLU A 614 -3.37 -35.28 11.15
C GLU A 614 -3.00 -35.86 9.80
N GLU A 615 -3.70 -35.47 8.74
CA GLU A 615 -3.36 -35.98 7.38
C GLU A 615 -2.41 -34.97 6.73
N TYR A 616 -1.21 -35.44 6.39
CA TYR A 616 -0.11 -34.67 5.76
C TYR A 616 0.19 -35.28 4.38
N THR A 617 0.67 -34.43 3.46
CA THR A 617 1.25 -34.81 2.14
C THR A 617 2.75 -34.47 2.13
N ASP A 618 3.58 -35.35 1.54
CA ASP A 618 5.01 -35.04 1.31
C ASP A 618 5.14 -34.31 -0.04
N TYR A 619 5.44 -33.00 -0.02
CA TYR A 619 5.69 -32.23 -1.27
C TYR A 619 7.18 -32.23 -1.66
N MET A 620 8.11 -32.75 -0.83
CA MET A 620 9.57 -32.67 -1.15
C MET A 620 9.92 -33.41 -2.46
N PRO A 621 9.35 -34.59 -2.81
CA PRO A 621 9.68 -35.25 -4.09
C PRO A 621 9.28 -34.52 -5.39
N SER A 622 8.55 -33.39 -5.30
CA SER A 622 8.32 -32.41 -6.41
C SER A 622 9.65 -31.75 -6.84
N MET A 623 10.68 -31.81 -5.98
CA MET A 623 12.04 -31.28 -6.24
C MET A 623 12.93 -32.45 -6.70
N LYS A 624 13.80 -32.18 -7.68
CA LYS A 624 14.55 -33.19 -8.48
C LYS A 624 15.43 -34.06 -7.58
N ARG A 625 15.96 -33.50 -6.49
CA ARG A 625 17.03 -34.16 -5.66
C ARG A 625 16.42 -34.88 -4.45
N PHE A 626 15.13 -34.65 -4.12
CA PHE A 626 14.36 -35.49 -3.15
C PHE A 626 13.58 -36.57 -3.92
N ARG A 627 13.57 -36.46 -5.25
CA ARG A 627 12.92 -37.44 -6.15
C ARG A 627 13.95 -38.54 -6.45
N ARG A 628 14.24 -39.40 -5.45
CA ARG A 628 15.08 -40.62 -5.56
C ARG A 628 16.46 -40.30 -6.19
ZN ZN B . 16.66 -10.54 -7.24
ZN ZN C . -18.58 13.50 10.82
O1 MES D . 4.15 -24.60 19.70
C2 MES D . 5.12 -24.66 20.73
C3 MES D . 6.12 -23.54 20.58
N4 MES D . 6.81 -23.64 19.26
C5 MES D . 5.79 -23.69 18.16
C6 MES D . 4.78 -24.77 18.43
C7 MES D . 7.79 -22.51 19.06
C8 MES D . 8.84 -22.85 18.02
S MES D . 10.33 -21.89 18.18
O1S MES D . 11.39 -22.85 18.30
O2S MES D . 10.42 -21.11 16.97
O3S MES D . 10.20 -21.07 19.35
S DMS E . 3.71 -27.16 -2.30
O DMS E . 3.78 -27.36 -3.82
C1 DMS E . 2.03 -26.78 -1.93
C2 DMS E . 4.35 -25.50 -2.07
S DMS F . 15.03 -27.30 -12.74
O DMS F . 13.81 -26.49 -12.38
C1 DMS F . 15.14 -28.58 -11.51
C2 DMS F . 16.45 -26.37 -12.23
S DMS G . 0.52 -13.29 3.61
O DMS G . -0.83 -13.59 3.02
C1 DMS G . 1.13 -11.91 2.70
C2 DMS G . 1.61 -14.50 2.94
C1 PEG H . -7.95 -16.60 -3.94
O1 PEG H . -7.98 -16.30 -5.33
C2 PEG H . -8.67 -15.57 -3.12
O2 PEG H . -8.62 -15.93 -1.74
C3 PEG H . -9.62 -15.30 -0.94
C4 PEG H . -9.24 -13.88 -0.65
O4 PEG H . -8.22 -13.78 0.34
P PO4 I . 10.41 4.25 -5.94
O1 PO4 I . 12.00 4.30 -5.56
O2 PO4 I . 9.84 5.71 -6.47
O3 PO4 I . 10.10 3.16 -7.07
O4 PO4 I . 9.69 3.87 -4.68
C1 PEG J . 24.99 -8.22 2.71
O1 PEG J . 26.02 -7.31 3.01
C2 PEG J . 24.82 -9.26 3.77
O2 PEG J . 26.08 -9.80 4.14
C3 PEG J . 26.73 -10.48 3.07
C4 PEG J . 25.76 -11.42 2.42
O4 PEG J . 26.06 -12.77 2.70
P PO4 K . -17.72 22.26 -5.15
O1 PO4 K . -16.92 22.03 -3.84
O2 PO4 K . -16.91 23.19 -6.06
O3 PO4 K . -17.97 20.90 -5.85
O4 PO4 K . -19.10 22.95 -4.84
C1 PEG L . -1.04 -5.67 -21.41
O1 PEG L . -2.06 -6.64 -21.33
C2 PEG L . -0.30 -5.73 -22.68
O2 PEG L . -0.18 -7.09 -23.09
C3 PEG L . 0.03 -7.26 -24.49
C4 PEG L . 1.45 -7.67 -24.76
O4 PEG L . 1.55 -8.98 -25.27
C10 JOV M . 21.45 -26.55 -4.54
C13 JOV M . 23.76 -25.39 -5.48
C01 JOV M . 17.49 -26.76 -7.54
C02 JOV M . 18.36 -27.97 -7.18
C03 JOV M . 17.59 -28.89 -6.24
C04 JOV M . 18.71 -28.76 -8.45
O05 JOV M . 19.65 -28.12 -9.29
N06 JOV M . 19.57 -27.49 -6.46
C07 JOV M . 20.39 -26.47 -6.80
O08 JOV M . 20.24 -25.83 -7.83
C09 JOV M . 21.54 -26.20 -5.88
C11 JOV M . 22.52 -26.34 -3.69
C12 JOV M . 23.69 -25.77 -4.16
C14 JOV M . 22.71 -25.61 -6.35
CL15 JOV M . 25.18 -24.57 -6.05
#